data_3W5R
#
_entry.id   3W5R
#
_cell.length_a   154.433
_cell.length_b   42.026
_cell.length_c   41.514
_cell.angle_alpha   90.00
_cell.angle_beta   96.25
_cell.angle_gamma   90.00
#
_symmetry.space_group_name_H-M   'C 1 2 1'
#
loop_
_entity.id
_entity.type
_entity.pdbx_description
1 polymer 'Vitamin D3 receptor'
2 polymer 'Mediator of RNA polymerase II transcription subunit 1'
3 non-polymer '(3beta,5beta,9beta)-3-(acetyloxy)cholan-24-oic acid'
4 water water
#
loop_
_entity_poly.entity_id
_entity_poly.type
_entity_poly.pdbx_seq_one_letter_code
_entity_poly.pdbx_strand_id
1 'polypeptide(L)'
;GSHMGSPNSPLKDSLRPKLSEEQQHIIAILLDAHHKTYDPTYADFRDFRPPVRMDGSTGSVTLDLSPLSMLPHLADLVSY
SIQKVIGFAKMIPGFRDLTSDDQIVLLKSSAIEVIMLRSNQSFTMDDMSWDCGSQDYKYDVTDVSKAGHTLELIEPLIKF
QVGLKKLNLHEEEHVLLMAICIVSPDRPGVQDAKLVEAIQDRLSNTLQTYIRCRHPPPGSHQLYAKMIQKLADLRSLNEE
HSKQYRSLSFQPENSMKLTPLVLEVFGNEIS
;
A
2 'polypeptide(L)' KNHPMLMNLLKDN C
#
loop_
_chem_comp.id
_chem_comp.type
_chem_comp.name
_chem_comp.formula
LOA non-polymer '(3beta,5beta,9beta)-3-(acetyloxy)cholan-24-oic acid' 'C26 H42 O4'
#
# COMPACT_ATOMS: atom_id res chain seq x y z
N LYS A 18 26.46 11.54 -11.28
CA LYS A 18 25.80 10.67 -10.26
C LYS A 18 24.29 10.89 -10.23
N LEU A 19 23.76 11.10 -9.03
CA LEU A 19 22.34 11.34 -8.83
C LEU A 19 21.89 12.58 -9.56
N SER A 20 21.26 13.49 -8.83
CA SER A 20 20.75 14.73 -9.42
C SER A 20 20.10 15.57 -8.32
N GLU A 21 20.08 16.88 -8.50
CA GLU A 21 19.47 17.76 -7.52
C GLU A 21 17.96 17.53 -7.47
N GLU A 22 17.37 17.38 -8.64
CA GLU A 22 15.94 17.13 -8.73
C GLU A 22 15.66 15.80 -8.05
N GLN A 23 16.36 14.76 -8.48
CA GLN A 23 16.19 13.44 -7.93
C GLN A 23 16.36 13.43 -6.41
N GLN A 24 17.36 14.16 -5.91
CA GLN A 24 17.57 14.23 -4.47
C GLN A 24 16.41 14.98 -3.83
N HIS A 25 15.82 15.88 -4.59
CA HIS A 25 14.67 16.66 -4.13
C HIS A 25 13.49 15.71 -3.95
N ILE A 26 13.25 14.93 -5.00
CA ILE A 26 12.16 13.96 -5.00
C ILE A 26 12.28 12.97 -3.84
N ILE A 27 13.50 12.50 -3.60
CA ILE A 27 13.77 11.56 -2.52
C ILE A 27 13.45 12.18 -1.17
N ALA A 28 13.95 13.40 -0.96
CA ALA A 28 13.73 14.12 0.29
C ALA A 28 12.23 14.27 0.56
N ILE A 29 11.49 14.63 -0.48
CA ILE A 29 10.05 14.79 -0.33
C ILE A 29 9.32 13.50 0.02
N LEU A 30 9.67 12.39 -0.64
CA LEU A 30 9.00 11.11 -0.37
C LEU A 30 9.27 10.60 1.05
N LEU A 31 10.49 10.78 1.53
CA LEU A 31 10.85 10.35 2.87
C LEU A 31 10.03 11.10 3.91
N ASP A 32 9.88 12.41 3.70
CA ASP A 32 9.12 13.24 4.63
C ASP A 32 7.65 12.90 4.54
N ALA A 33 7.15 12.76 3.32
CA ALA A 33 5.75 12.43 3.08
C ALA A 33 5.44 11.13 3.82
N HIS A 34 6.40 10.22 3.79
CA HIS A 34 6.24 8.94 4.44
C HIS A 34 6.23 9.11 5.96
N HIS A 35 7.22 9.82 6.48
CA HIS A 35 7.30 10.04 7.92
C HIS A 35 6.03 10.69 8.45
N LYS A 36 5.35 11.46 7.59
CA LYS A 36 4.13 12.14 7.97
C LYS A 36 2.89 11.27 7.87
N THR A 37 2.97 10.16 7.14
CA THR A 37 1.81 9.28 6.97
C THR A 37 1.94 7.88 7.59
N TYR A 38 3.14 7.52 8.01
CA TYR A 38 3.32 6.23 8.63
C TYR A 38 3.91 6.42 10.03
N ASP A 39 3.05 6.27 11.04
CA ASP A 39 3.44 6.43 12.43
C ASP A 39 4.02 5.14 13.00
N PRO A 40 5.35 5.11 13.22
CA PRO A 40 6.00 3.90 13.75
C PRO A 40 5.50 3.49 15.15
N THR A 41 4.77 4.36 15.83
CA THR A 41 4.25 4.06 17.16
C THR A 41 2.86 3.41 17.12
N TYR A 42 2.19 3.55 15.98
CA TYR A 42 0.85 3.00 15.78
C TYR A 42 -0.10 3.47 16.87
N ALA A 43 0.17 4.64 17.41
CA ALA A 43 -0.66 5.20 18.47
C ALA A 43 -2.15 5.26 18.14
N ASP A 44 -2.47 5.52 16.86
CA ASP A 44 -3.86 5.62 16.43
C ASP A 44 -4.63 4.31 16.45
N PHE A 45 -3.94 3.19 16.62
CA PHE A 45 -4.58 1.89 16.63
C PHE A 45 -5.56 1.69 17.79
N ARG A 46 -5.44 2.52 18.82
CA ARG A 46 -6.34 2.41 19.95
C ARG A 46 -7.76 2.78 19.53
N ASP A 47 -7.86 3.72 18.60
CA ASP A 47 -9.17 4.19 18.13
C ASP A 47 -9.98 3.18 17.30
N PHE A 48 -9.33 2.17 16.75
CA PHE A 48 -10.02 1.17 15.95
C PHE A 48 -10.96 0.32 16.80
N ARG A 49 -11.95 -0.31 16.16
CA ARG A 49 -12.84 -1.20 16.88
C ARG A 49 -11.87 -2.27 17.38
N PRO A 50 -11.99 -2.68 18.66
CA PRO A 50 -11.13 -3.68 19.28
C PRO A 50 -10.90 -4.98 18.51
N PRO A 51 -9.67 -5.50 18.54
CA PRO A 51 -9.37 -6.73 17.85
C PRO A 51 -9.90 -7.90 18.67
N VAL A 52 -10.46 -8.89 18.00
CA VAL A 52 -11.01 -10.06 18.65
C VAL A 52 -10.48 -11.31 17.98
N ARG A 53 -9.65 -12.05 18.70
CA ARG A 53 -9.04 -13.27 18.18
C ARG A 53 -9.83 -14.51 18.62
N MET A 54 -11.08 -14.62 18.16
CA MET A 54 -11.96 -15.73 18.51
C MET A 54 -11.27 -17.08 18.33
N SER A 66 -13.87 -18.79 8.47
CA SER A 66 -13.40 -17.67 9.25
C SER A 66 -14.44 -17.24 10.28
N PRO A 67 -13.99 -16.83 11.48
CA PRO A 67 -14.91 -16.40 12.52
C PRO A 67 -15.26 -14.93 12.28
N LEU A 68 -14.51 -14.31 11.36
CA LEU A 68 -14.69 -12.89 11.03
C LEU A 68 -14.53 -12.02 12.25
N SER A 69 -14.04 -12.61 13.33
CA SER A 69 -13.85 -11.90 14.58
C SER A 69 -12.87 -10.73 14.45
N MET A 70 -11.99 -10.81 13.45
CA MET A 70 -10.99 -9.77 13.22
C MET A 70 -11.43 -8.72 12.20
N LEU A 71 -12.53 -8.98 11.51
CA LEU A 71 -13.01 -8.06 10.48
C LEU A 71 -13.27 -6.63 10.92
N PRO A 72 -13.86 -6.43 12.11
CA PRO A 72 -14.10 -5.04 12.52
C PRO A 72 -12.80 -4.25 12.74
N HIS A 73 -11.85 -4.85 13.44
CA HIS A 73 -10.59 -4.20 13.72
C HIS A 73 -9.71 -4.00 12.47
N LEU A 74 -9.53 -5.06 11.70
CA LEU A 74 -8.70 -4.99 10.49
C LEU A 74 -9.37 -4.10 9.43
N ALA A 75 -10.68 -4.00 9.48
CA ALA A 75 -11.41 -3.16 8.54
C ALA A 75 -11.08 -1.71 8.86
N ASP A 76 -11.05 -1.38 10.15
CA ASP A 76 -10.74 -0.01 10.57
C ASP A 76 -9.28 0.32 10.27
N LEU A 77 -8.42 -0.65 10.53
CA LEU A 77 -6.99 -0.50 10.30
C LEU A 77 -6.74 -0.21 8.83
N VAL A 78 -7.37 -1.00 7.97
CA VAL A 78 -7.23 -0.83 6.54
C VAL A 78 -7.79 0.52 6.10
N SER A 79 -8.98 0.84 6.59
CA SER A 79 -9.63 2.10 6.25
C SER A 79 -8.74 3.27 6.62
N TYR A 80 -8.21 3.22 7.84
CA TYR A 80 -7.30 4.24 8.36
C TYR A 80 -6.09 4.29 7.43
N SER A 81 -5.55 3.12 7.11
CA SER A 81 -4.38 3.03 6.22
C SER A 81 -4.66 3.61 4.84
N ILE A 82 -5.90 3.52 4.36
CA ILE A 82 -6.21 4.10 3.06
C ILE A 82 -6.03 5.62 3.15
N GLN A 83 -6.50 6.19 4.25
CA GLN A 83 -6.38 7.63 4.48
C GLN A 83 -4.92 8.08 4.51
N LYS A 84 -4.04 7.24 5.02
CA LYS A 84 -2.63 7.57 5.10
C LYS A 84 -1.93 7.42 3.74
N VAL A 85 -2.36 6.43 2.96
CA VAL A 85 -1.77 6.22 1.64
C VAL A 85 -2.18 7.40 0.76
N ILE A 86 -3.39 7.90 0.94
CA ILE A 86 -3.86 9.05 0.17
C ILE A 86 -3.01 10.25 0.54
N GLY A 87 -2.81 10.44 1.84
CA GLY A 87 -2.00 11.55 2.32
C GLY A 87 -0.58 11.48 1.75
N PHE A 88 -0.04 10.28 1.65
CA PHE A 88 1.31 10.12 1.09
C PHE A 88 1.31 10.42 -0.40
N ALA A 89 0.27 9.94 -1.08
CA ALA A 89 0.16 10.11 -2.51
C ALA A 89 0.12 11.58 -2.92
N LYS A 90 -0.59 12.40 -2.16
CA LYS A 90 -0.70 13.81 -2.47
C LYS A 90 0.65 14.50 -2.49
N MET A 91 1.58 14.01 -1.68
CA MET A 91 2.90 14.62 -1.62
C MET A 91 3.87 14.10 -2.67
N ILE A 92 3.46 13.12 -3.46
CA ILE A 92 4.29 12.57 -4.52
C ILE A 92 4.45 13.66 -5.56
N PRO A 93 5.66 14.22 -5.69
CA PRO A 93 5.90 15.29 -6.66
C PRO A 93 5.38 14.96 -8.05
N GLY A 94 4.44 15.79 -8.53
CA GLY A 94 3.87 15.57 -9.85
C GLY A 94 2.45 15.02 -9.82
N PHE A 95 2.10 14.39 -8.72
CA PHE A 95 0.77 13.82 -8.55
C PHE A 95 -0.30 14.90 -8.57
N ARG A 96 0.10 16.11 -8.18
CA ARG A 96 -0.81 17.26 -8.12
C ARG A 96 -1.17 17.82 -9.49
N ASP A 97 -0.37 17.49 -10.50
CA ASP A 97 -0.60 17.98 -11.85
C ASP A 97 -1.62 17.10 -12.56
N LEU A 98 -1.98 15.99 -11.91
CA LEU A 98 -2.96 15.08 -12.48
C LEU A 98 -4.35 15.61 -12.16
N THR A 99 -5.34 15.16 -12.91
CA THR A 99 -6.72 15.59 -12.66
C THR A 99 -7.24 14.73 -11.51
N SER A 100 -8.34 15.16 -10.88
CA SER A 100 -8.92 14.40 -9.80
C SER A 100 -9.27 13.00 -10.30
N ASP A 101 -9.96 12.94 -11.44
CA ASP A 101 -10.36 11.66 -12.04
C ASP A 101 -9.20 10.68 -12.09
N ASP A 102 -8.05 11.15 -12.56
CA ASP A 102 -6.87 10.30 -12.65
C ASP A 102 -6.35 9.97 -11.26
N GLN A 103 -6.35 10.95 -10.37
CA GLN A 103 -5.89 10.75 -9.01
C GLN A 103 -6.75 9.71 -8.30
N ILE A 104 -8.05 9.77 -8.55
CA ILE A 104 -8.97 8.84 -7.94
C ILE A 104 -8.80 7.44 -8.49
N VAL A 105 -8.54 7.35 -9.78
CA VAL A 105 -8.34 6.07 -10.43
C VAL A 105 -7.06 5.43 -9.87
N LEU A 106 -5.98 6.20 -9.84
CA LEU A 106 -4.72 5.71 -9.35
C LEU A 106 -4.76 5.23 -7.88
N LEU A 107 -5.51 5.92 -7.03
CA LEU A 107 -5.62 5.54 -5.63
C LEU A 107 -6.52 4.35 -5.39
N LYS A 108 -7.59 4.28 -6.16
CA LYS A 108 -8.53 3.18 -5.99
C LYS A 108 -7.86 1.84 -6.30
N SER A 109 -7.01 1.83 -7.32
CA SER A 109 -6.34 0.60 -7.73
C SER A 109 -5.05 0.29 -6.97
N SER A 110 -4.38 1.31 -6.46
CA SER A 110 -3.12 1.09 -5.75
C SER A 110 -3.21 0.97 -4.24
N ALA A 111 -4.26 1.50 -3.63
CA ALA A 111 -4.39 1.51 -2.18
C ALA A 111 -4.01 0.21 -1.48
N ILE A 112 -4.70 -0.88 -1.79
CA ILE A 112 -4.40 -2.15 -1.15
C ILE A 112 -2.93 -2.53 -1.37
N GLU A 113 -2.43 -2.34 -2.58
CA GLU A 113 -1.05 -2.66 -2.89
C GLU A 113 -0.08 -1.87 -2.01
N VAL A 114 -0.25 -0.56 -1.95
CA VAL A 114 0.61 0.28 -1.14
C VAL A 114 0.50 -0.08 0.35
N ILE A 115 -0.66 -0.52 0.78
CA ILE A 115 -0.86 -0.91 2.17
C ILE A 115 -0.05 -2.19 2.49
N MET A 116 0.01 -3.12 1.53
CA MET A 116 0.76 -4.35 1.72
C MET A 116 2.23 -4.01 1.69
N LEU A 117 2.60 -3.01 0.89
CA LEU A 117 3.98 -2.56 0.78
C LEU A 117 4.45 -1.85 2.04
N ARG A 118 3.69 -0.85 2.49
CA ARG A 118 4.08 -0.11 3.68
C ARG A 118 4.05 -0.97 4.93
N SER A 119 3.31 -2.07 4.87
CA SER A 119 3.19 -2.96 6.02
C SER A 119 4.49 -3.74 6.22
N ASN A 120 5.35 -3.72 5.20
CA ASN A 120 6.60 -4.45 5.29
C ASN A 120 7.42 -3.91 6.45
N GLN A 121 7.28 -2.62 6.71
CA GLN A 121 8.01 -1.97 7.78
C GLN A 121 7.71 -2.59 9.15
N SER A 122 6.49 -3.08 9.33
CA SER A 122 6.12 -3.68 10.61
C SER A 122 6.22 -5.21 10.61
N PHE A 123 6.42 -5.80 9.43
CA PHE A 123 6.51 -7.25 9.32
C PHE A 123 7.86 -7.80 9.78
N THR A 124 7.86 -8.86 10.58
CA THR A 124 9.12 -9.47 11.03
C THR A 124 9.16 -10.93 10.65
N MET A 125 10.31 -11.36 10.15
CA MET A 125 10.51 -12.75 9.76
C MET A 125 10.79 -13.61 10.99
N ASP A 126 10.98 -12.96 12.13
CA ASP A 126 11.25 -13.65 13.38
C ASP A 126 10.12 -14.63 13.65
N ASP A 127 8.89 -14.15 13.54
CA ASP A 127 7.73 -14.99 13.77
C ASP A 127 6.70 -14.78 12.66
N MET A 128 7.16 -14.22 11.55
CA MET A 128 6.30 -14.00 10.41
C MET A 128 5.01 -13.27 10.77
N SER A 129 5.14 -12.08 11.32
CA SER A 129 3.96 -11.33 11.70
C SER A 129 4.18 -9.83 11.54
N TRP A 130 3.08 -9.09 11.63
CA TRP A 130 3.13 -7.66 11.53
C TRP A 130 3.09 -7.17 12.96
N ASP A 131 4.27 -6.83 13.46
CA ASP A 131 4.42 -6.38 14.82
C ASP A 131 4.17 -4.88 14.87
N CYS A 132 2.97 -4.50 15.30
CA CYS A 132 2.62 -3.09 15.38
C CYS A 132 2.71 -2.55 16.81
N GLY A 133 3.88 -2.73 17.42
CA GLY A 133 4.12 -2.28 18.78
C GLY A 133 2.91 -2.48 19.69
N SER A 134 2.81 -3.70 20.24
CA SER A 134 1.70 -4.10 21.13
C SER A 134 1.29 -5.52 20.78
N GLN A 135 1.02 -6.33 21.79
CA GLN A 135 0.63 -7.71 21.56
C GLN A 135 -0.73 -7.76 20.85
N ASP A 136 -1.62 -6.85 21.23
CA ASP A 136 -2.94 -6.79 20.62
C ASP A 136 -2.81 -6.37 19.18
N TYR A 137 -1.82 -5.51 18.93
CA TYR A 137 -1.59 -4.99 17.60
C TYR A 137 -0.44 -5.71 16.90
N LYS A 138 -0.33 -7.00 17.16
CA LYS A 138 0.70 -7.82 16.53
C LYS A 138 -0.11 -8.84 15.76
N TYR A 139 -0.02 -8.80 14.43
CA TYR A 139 -0.82 -9.70 13.62
C TYR A 139 -0.10 -10.78 12.85
N ASP A 140 -0.63 -12.01 12.94
CA ASP A 140 -0.05 -13.14 12.23
C ASP A 140 -1.05 -13.80 11.30
N VAL A 141 -0.68 -14.97 10.80
CA VAL A 141 -1.51 -15.71 9.86
C VAL A 141 -2.93 -15.96 10.33
N THR A 142 -3.09 -16.46 11.54
CA THR A 142 -4.42 -16.76 12.06
C THR A 142 -5.23 -15.52 12.37
N ASP A 143 -4.57 -14.39 12.62
CA ASP A 143 -5.31 -13.16 12.89
C ASP A 143 -5.82 -12.58 11.57
N VAL A 144 -4.92 -12.40 10.61
CA VAL A 144 -5.29 -11.83 9.32
C VAL A 144 -6.14 -12.78 8.49
N SER A 145 -6.32 -14.00 8.99
CA SER A 145 -7.14 -14.97 8.28
C SER A 145 -8.56 -14.94 8.87
N LYS A 146 -8.72 -14.16 9.94
CA LYS A 146 -10.02 -14.03 10.61
C LYS A 146 -10.77 -12.76 10.21
N ALA A 147 -10.65 -12.37 8.95
CA ALA A 147 -11.32 -11.18 8.44
C ALA A 147 -12.04 -11.44 7.13
N GLY A 148 -12.34 -12.71 6.87
CA GLY A 148 -13.07 -13.07 5.66
C GLY A 148 -12.25 -13.37 4.42
N HIS A 149 -10.94 -13.51 4.57
CA HIS A 149 -10.07 -13.80 3.42
C HIS A 149 -9.38 -15.13 3.66
N THR A 150 -9.12 -15.86 2.58
CA THR A 150 -8.49 -17.19 2.69
C THR A 150 -6.99 -17.19 2.43
N LEU A 151 -6.36 -18.35 2.63
CA LEU A 151 -4.92 -18.49 2.42
C LEU A 151 -4.54 -18.27 0.95
N GLU A 152 -5.52 -18.28 0.06
CA GLU A 152 -5.19 -18.06 -1.33
C GLU A 152 -4.66 -16.64 -1.48
N LEU A 153 -4.92 -15.83 -0.45
CA LEU A 153 -4.44 -14.44 -0.40
C LEU A 153 -3.31 -14.35 0.62
N ILE A 154 -3.60 -14.75 1.85
CA ILE A 154 -2.65 -14.69 2.96
C ILE A 154 -1.31 -15.39 2.73
N GLU A 155 -1.36 -16.54 2.06
CA GLU A 155 -0.16 -17.30 1.77
C GLU A 155 0.77 -16.46 0.91
N PRO A 156 0.32 -16.06 -0.29
CA PRO A 156 1.17 -15.25 -1.16
C PRO A 156 1.56 -13.92 -0.50
N LEU A 157 0.67 -13.36 0.32
CA LEU A 157 0.95 -12.10 1.01
C LEU A 157 2.16 -12.19 1.93
N ILE A 158 2.22 -13.24 2.75
CA ILE A 158 3.35 -13.39 3.66
C ILE A 158 4.61 -13.67 2.84
N LYS A 159 4.47 -14.50 1.81
CA LYS A 159 5.60 -14.81 0.94
C LYS A 159 6.16 -13.51 0.41
N PHE A 160 5.25 -12.65 -0.04
CA PHE A 160 5.62 -11.35 -0.59
C PHE A 160 6.44 -10.56 0.43
N GLN A 161 5.92 -10.49 1.65
CA GLN A 161 6.57 -9.78 2.74
C GLN A 161 8.01 -10.25 2.95
N VAL A 162 8.18 -11.56 3.01
CA VAL A 162 9.49 -12.15 3.20
C VAL A 162 10.43 -11.75 2.09
N GLY A 163 10.00 -11.97 0.86
CA GLY A 163 10.83 -11.61 -0.29
C GLY A 163 11.18 -10.13 -0.28
N LEU A 164 10.21 -9.29 0.06
CA LEU A 164 10.46 -7.84 0.09
C LEU A 164 11.40 -7.52 1.25
N LYS A 165 11.22 -8.20 2.37
CA LYS A 165 12.05 -7.97 3.54
C LYS A 165 13.49 -8.31 3.16
N LYS A 166 13.67 -9.45 2.52
CA LYS A 166 14.99 -9.92 2.12
C LYS A 166 15.75 -8.99 1.19
N LEU A 167 15.07 -8.00 0.63
CA LEU A 167 15.72 -7.05 -0.25
C LEU A 167 16.48 -5.99 0.57
N ASN A 168 16.17 -5.89 1.86
CA ASN A 168 16.82 -4.94 2.74
C ASN A 168 16.94 -3.57 2.07
N LEU A 169 15.81 -3.07 1.59
CA LEU A 169 15.79 -1.80 0.90
C LEU A 169 16.13 -0.63 1.80
N HIS A 170 16.76 0.38 1.21
CA HIS A 170 17.05 1.60 1.95
C HIS A 170 15.67 2.24 2.07
N GLU A 171 15.45 3.09 3.07
CA GLU A 171 14.14 3.67 3.20
C GLU A 171 13.83 4.54 1.98
N GLU A 172 14.87 5.07 1.35
CA GLU A 172 14.73 5.90 0.16
C GLU A 172 14.10 5.06 -0.96
N GLU A 173 14.57 3.82 -1.08
CA GLU A 173 14.08 2.89 -2.07
C GLU A 173 12.63 2.52 -1.77
N HIS A 174 12.35 2.29 -0.49
CA HIS A 174 11.03 1.93 0.00
C HIS A 174 9.95 2.93 -0.43
N VAL A 175 10.21 4.22 -0.19
CA VAL A 175 9.22 5.24 -0.52
C VAL A 175 9.09 5.46 -2.03
N LEU A 176 10.18 5.27 -2.75
CA LEU A 176 10.17 5.43 -4.19
C LEU A 176 9.30 4.32 -4.81
N LEU A 177 9.37 3.13 -4.22
CA LEU A 177 8.58 2.00 -4.70
C LEU A 177 7.10 2.23 -4.46
N MET A 178 6.78 2.77 -3.29
CA MET A 178 5.39 3.06 -2.96
C MET A 178 4.86 4.13 -3.94
N ALA A 179 5.67 5.13 -4.22
CA ALA A 179 5.28 6.21 -5.12
C ALA A 179 5.13 5.69 -6.55
N ILE A 180 6.10 4.90 -7.00
CA ILE A 180 6.04 4.33 -8.35
C ILE A 180 4.80 3.45 -8.45
N CYS A 181 4.53 2.71 -7.37
CA CYS A 181 3.36 1.84 -7.33
C CYS A 181 2.05 2.63 -7.49
N ILE A 182 2.01 3.82 -6.91
CA ILE A 182 0.81 4.65 -6.98
C ILE A 182 0.61 5.22 -8.39
N VAL A 183 1.66 5.84 -8.94
CA VAL A 183 1.57 6.43 -10.27
C VAL A 183 1.93 5.48 -11.42
N SER A 184 1.13 4.43 -11.59
CA SER A 184 1.33 3.45 -12.65
C SER A 184 0.32 3.74 -13.78
N PRO A 185 0.82 4.12 -14.97
CA PRO A 185 0.00 4.45 -16.15
C PRO A 185 -0.90 3.36 -16.72
N ASP A 186 -0.68 2.11 -16.33
CA ASP A 186 -1.50 1.01 -16.86
C ASP A 186 -2.71 0.64 -16.03
N ARG A 187 -3.00 1.41 -14.99
CA ARG A 187 -4.15 1.09 -14.16
C ARG A 187 -5.42 1.28 -14.98
N PRO A 188 -6.37 0.36 -14.87
CA PRO A 188 -7.61 0.52 -15.64
C PRO A 188 -8.31 1.84 -15.32
N GLY A 189 -8.77 2.53 -16.37
CA GLY A 189 -9.47 3.78 -16.17
C GLY A 189 -8.61 5.02 -16.22
N VAL A 190 -7.33 4.89 -16.54
CA VAL A 190 -6.46 6.07 -16.60
C VAL A 190 -6.76 6.86 -17.86
N GLN A 191 -6.72 8.18 -17.75
CA GLN A 191 -6.98 9.06 -18.89
C GLN A 191 -5.67 9.52 -19.48
N ASP A 192 -5.05 10.51 -18.85
CA ASP A 192 -3.78 11.04 -19.33
C ASP A 192 -2.64 10.13 -18.88
N ALA A 193 -2.50 9.00 -19.56
CA ALA A 193 -1.46 8.03 -19.25
C ALA A 193 -0.08 8.65 -19.45
N LYS A 194 0.08 9.38 -20.54
CA LYS A 194 1.35 10.04 -20.85
C LYS A 194 1.86 10.84 -19.65
N LEU A 195 0.98 11.63 -19.04
CA LEU A 195 1.36 12.42 -17.88
C LEU A 195 1.69 11.49 -16.72
N VAL A 196 0.87 10.47 -16.53
CA VAL A 196 1.09 9.51 -15.45
C VAL A 196 2.42 8.82 -15.69
N GLU A 197 2.67 8.46 -16.95
CA GLU A 197 3.90 7.80 -17.36
C GLU A 197 5.09 8.72 -17.15
N ALA A 198 4.94 9.98 -17.52
CA ALA A 198 6.02 10.94 -17.34
C ALA A 198 6.38 11.02 -15.86
N ILE A 199 5.37 11.19 -15.03
CA ILE A 199 5.58 11.29 -13.59
C ILE A 199 6.27 10.05 -13.02
N GLN A 200 5.86 8.88 -13.48
CA GLN A 200 6.44 7.65 -12.98
C GLN A 200 7.89 7.43 -13.42
N ASP A 201 8.20 7.69 -14.70
CA ASP A 201 9.56 7.49 -15.20
C ASP A 201 10.50 8.34 -14.37
N ARG A 202 10.03 9.54 -14.05
CA ARG A 202 10.81 10.45 -13.26
C ARG A 202 11.19 9.75 -11.95
N LEU A 203 10.21 9.09 -11.33
CA LEU A 203 10.46 8.36 -10.10
C LEU A 203 11.36 7.16 -10.35
N SER A 204 11.08 6.42 -11.42
CA SER A 204 11.89 5.25 -11.78
C SER A 204 13.38 5.59 -11.97
N ASN A 205 13.65 6.59 -12.79
CA ASN A 205 15.02 6.98 -13.05
C ASN A 205 15.66 7.44 -11.75
N THR A 206 14.86 8.01 -10.87
CA THR A 206 15.36 8.47 -9.59
C THR A 206 15.78 7.20 -8.85
N LEU A 207 14.91 6.20 -8.87
CA LEU A 207 15.20 4.92 -8.22
C LEU A 207 16.42 4.25 -8.85
N GLN A 208 16.37 4.03 -10.16
CA GLN A 208 17.50 3.37 -10.85
C GLN A 208 18.84 4.04 -10.54
N THR A 209 18.86 5.36 -10.54
CA THR A 209 20.09 6.10 -10.26
C THR A 209 20.54 6.01 -8.81
N TYR A 210 19.58 6.03 -7.89
CA TYR A 210 19.92 5.95 -6.48
C TYR A 210 20.53 4.60 -6.12
N ILE A 211 19.99 3.54 -6.72
CA ILE A 211 20.51 2.21 -6.47
C ILE A 211 21.96 2.16 -6.93
N ARG A 212 22.19 2.65 -8.15
CA ARG A 212 23.52 2.67 -8.75
C ARG A 212 24.52 3.53 -7.95
N CYS A 213 24.12 4.75 -7.59
CA CYS A 213 25.04 5.63 -6.86
C CYS A 213 25.03 5.56 -5.34
N ARG A 214 23.96 5.05 -4.76
CA ARG A 214 23.86 4.99 -3.30
C ARG A 214 23.68 3.60 -2.69
N HIS A 215 23.40 2.59 -3.51
CA HIS A 215 23.24 1.24 -2.94
C HIS A 215 24.42 0.39 -3.38
N PRO A 216 25.32 0.11 -2.44
CA PRO A 216 26.52 -0.69 -2.69
C PRO A 216 26.28 -2.17 -2.97
N PRO A 217 27.14 -2.78 -3.80
CA PRO A 217 27.01 -4.19 -4.13
C PRO A 217 27.57 -4.97 -2.92
N PRO A 218 27.19 -6.25 -2.78
CA PRO A 218 26.29 -7.02 -3.65
C PRO A 218 24.79 -6.70 -3.53
N GLY A 219 24.39 -6.09 -2.42
CA GLY A 219 22.99 -5.76 -2.18
C GLY A 219 22.29 -4.96 -3.27
N SER A 220 23.07 -4.40 -4.18
CA SER A 220 22.52 -3.62 -5.28
C SER A 220 22.28 -4.50 -6.50
N HIS A 221 22.78 -5.72 -6.44
CA HIS A 221 22.66 -6.67 -7.55
C HIS A 221 21.26 -6.98 -7.98
N GLN A 222 20.91 -6.52 -9.18
CA GLN A 222 19.59 -6.72 -9.77
C GLN A 222 18.51 -6.24 -8.82
N LEU A 223 18.81 -5.20 -8.06
CA LEU A 223 17.86 -4.68 -7.10
C LEU A 223 16.65 -4.02 -7.75
N TYR A 224 16.87 -3.25 -8.81
CA TYR A 224 15.77 -2.59 -9.50
C TYR A 224 14.85 -3.61 -10.16
N ALA A 225 15.44 -4.69 -10.67
CA ALA A 225 14.67 -5.74 -11.32
C ALA A 225 13.85 -6.47 -10.27
N LYS A 226 14.44 -6.68 -9.09
CA LYS A 226 13.73 -7.36 -8.02
C LYS A 226 12.64 -6.52 -7.38
N MET A 227 12.73 -5.18 -7.49
CA MET A 227 11.71 -4.31 -6.92
C MET A 227 10.54 -4.17 -7.89
N ILE A 228 10.85 -4.16 -9.18
CA ILE A 228 9.83 -4.04 -10.20
C ILE A 228 9.03 -5.34 -10.20
N GLN A 229 9.71 -6.43 -9.86
CA GLN A 229 9.05 -7.73 -9.82
C GLN A 229 8.05 -7.72 -8.68
N LYS A 230 8.40 -7.04 -7.59
CA LYS A 230 7.50 -6.98 -6.46
C LYS A 230 6.24 -6.20 -6.83
N LEU A 231 6.37 -5.29 -7.80
CA LEU A 231 5.21 -4.52 -8.27
C LEU A 231 4.28 -5.48 -9.03
N ALA A 232 4.86 -6.52 -9.61
CA ALA A 232 4.09 -7.52 -10.35
C ALA A 232 3.44 -8.45 -9.34
N ASP A 233 4.11 -8.69 -8.22
CA ASP A 233 3.56 -9.56 -7.17
C ASP A 233 2.34 -8.85 -6.57
N LEU A 234 2.45 -7.53 -6.42
CA LEU A 234 1.36 -6.73 -5.86
C LEU A 234 0.11 -6.77 -6.74
N ARG A 235 0.28 -6.72 -8.05
CA ARG A 235 -0.86 -6.78 -8.98
C ARG A 235 -1.59 -8.08 -8.72
N SER A 236 -0.81 -9.15 -8.65
CA SER A 236 -1.34 -10.48 -8.39
C SER A 236 -2.07 -10.51 -7.05
N LEU A 237 -1.44 -9.94 -6.01
CA LEU A 237 -2.08 -9.90 -4.69
C LEU A 237 -3.33 -9.02 -4.74
N ASN A 238 -3.24 -7.92 -5.49
CA ASN A 238 -4.36 -7.00 -5.65
C ASN A 238 -5.55 -7.73 -6.30
N GLU A 239 -5.25 -8.46 -7.37
CA GLU A 239 -6.26 -9.21 -8.11
C GLU A 239 -6.97 -10.19 -7.19
N GLU A 240 -6.20 -10.96 -6.44
CA GLU A 240 -6.80 -11.92 -5.53
C GLU A 240 -7.63 -11.18 -4.49
N HIS A 241 -7.17 -10.01 -4.05
CA HIS A 241 -7.90 -9.24 -3.05
C HIS A 241 -9.26 -8.78 -3.56
N SER A 242 -9.29 -8.31 -4.81
CA SER A 242 -10.55 -7.87 -5.39
C SER A 242 -11.52 -9.03 -5.43
N LYS A 243 -11.03 -10.20 -5.81
CA LYS A 243 -11.88 -11.38 -5.89
C LYS A 243 -12.46 -11.73 -4.53
N GLN A 244 -11.64 -11.77 -3.49
CA GLN A 244 -12.14 -12.13 -2.17
C GLN A 244 -12.89 -11.01 -1.48
N TYR A 245 -12.66 -9.78 -1.90
CA TYR A 245 -13.37 -8.66 -1.30
C TYR A 245 -14.82 -8.77 -1.76
N ARG A 246 -15.04 -8.76 -3.07
CA ARG A 246 -16.39 -8.87 -3.61
C ARG A 246 -17.14 -10.03 -2.98
N SER A 247 -16.47 -11.16 -2.89
CA SER A 247 -17.06 -12.36 -2.31
C SER A 247 -17.77 -12.05 -0.98
N LEU A 248 -17.04 -11.46 -0.03
CA LEU A 248 -17.63 -11.17 1.27
C LEU A 248 -18.44 -9.87 1.33
N SER A 249 -18.27 -8.99 0.35
CA SER A 249 -19.04 -7.74 0.34
C SER A 249 -20.42 -8.02 -0.22
N PHE A 250 -20.57 -9.18 -0.86
CA PHE A 250 -21.84 -9.57 -1.45
C PHE A 250 -22.68 -10.26 -0.39
N GLN A 251 -22.26 -10.09 0.86
CA GLN A 251 -22.93 -10.66 2.01
C GLN A 251 -23.14 -9.50 3.01
N PRO A 252 -24.35 -8.92 3.01
CA PRO A 252 -24.76 -7.81 3.86
C PRO A 252 -24.30 -7.77 5.31
N GLU A 253 -24.29 -8.91 6.00
CA GLU A 253 -23.84 -8.87 7.39
C GLU A 253 -22.34 -8.61 7.48
N ASN A 254 -21.61 -8.91 6.40
CA ASN A 254 -20.17 -8.68 6.37
C ASN A 254 -19.88 -7.23 5.97
N SER A 255 -20.48 -6.79 4.87
CA SER A 255 -20.26 -5.44 4.39
C SER A 255 -20.69 -4.38 5.39
N MET A 256 -21.51 -4.73 6.38
CA MET A 256 -21.91 -3.72 7.34
C MET A 256 -20.88 -3.59 8.46
N LYS A 257 -19.87 -4.46 8.44
CA LYS A 257 -18.81 -4.42 9.45
C LYS A 257 -17.66 -3.60 8.91
N LEU A 258 -17.77 -3.20 7.64
CA LEU A 258 -16.72 -2.41 7.03
C LEU A 258 -16.96 -0.93 7.32
N THR A 259 -16.16 -0.09 6.69
CA THR A 259 -16.31 1.34 6.87
C THR A 259 -16.74 1.98 5.57
N PRO A 260 -17.32 3.18 5.64
CA PRO A 260 -17.77 3.87 4.42
C PRO A 260 -16.65 4.09 3.39
N LEU A 261 -15.46 4.44 3.86
CA LEU A 261 -14.36 4.67 2.92
C LEU A 261 -13.93 3.37 2.25
N VAL A 262 -13.92 2.28 3.00
CA VAL A 262 -13.55 1.00 2.42
C VAL A 262 -14.56 0.64 1.34
N LEU A 263 -15.83 0.87 1.61
CA LEU A 263 -16.86 0.54 0.62
C LEU A 263 -16.68 1.38 -0.64
N GLU A 264 -16.31 2.63 -0.48
CA GLU A 264 -16.14 3.50 -1.63
C GLU A 264 -14.95 3.06 -2.49
N VAL A 265 -13.79 2.96 -1.86
CA VAL A 265 -12.58 2.55 -2.57
C VAL A 265 -12.62 1.12 -3.12
N PHE A 266 -12.80 0.14 -2.24
CA PHE A 266 -12.81 -1.26 -2.66
C PHE A 266 -14.03 -1.68 -3.48
N GLY A 267 -15.14 -0.97 -3.32
CA GLY A 267 -16.34 -1.33 -4.07
C GLY A 267 -17.55 -1.48 -3.16
N ASN A 268 -18.69 -0.95 -3.61
CA ASN A 268 -19.92 -1.02 -2.83
C ASN A 268 -21.13 -1.51 -3.62
N GLU A 269 -20.91 -2.47 -4.52
CA GLU A 269 -22.01 -3.03 -5.30
C GLU A 269 -22.68 -4.10 -4.45
N ILE A 270 -22.76 -3.82 -3.15
CA ILE A 270 -23.37 -4.74 -2.18
C ILE A 270 -24.91 -4.68 -2.26
N LYS B 1 -15.15 8.65 -10.36
CA LYS B 1 -16.58 8.47 -10.77
C LYS B 1 -17.52 8.46 -9.57
N ASN B 2 -17.54 9.59 -8.86
CA ASN B 2 -18.38 9.77 -7.67
C ASN B 2 -17.85 9.06 -6.43
N HIS B 3 -16.77 9.63 -5.89
CA HIS B 3 -16.14 9.12 -4.68
C HIS B 3 -15.92 10.34 -3.80
N PRO B 4 -17.01 10.86 -3.23
CA PRO B 4 -16.98 12.04 -2.36
C PRO B 4 -15.94 12.00 -1.27
N MET B 5 -15.82 10.85 -0.61
CA MET B 5 -14.86 10.69 0.48
C MET B 5 -13.42 10.70 -0.02
N LEU B 6 -13.17 9.94 -1.08
CA LEU B 6 -11.84 9.87 -1.68
C LEU B 6 -11.51 11.24 -2.26
N MET B 7 -12.48 11.79 -3.00
CA MET B 7 -12.34 13.09 -3.64
C MET B 7 -11.99 14.13 -2.58
N ASN B 8 -12.78 14.14 -1.52
CA ASN B 8 -12.58 15.07 -0.41
C ASN B 8 -11.20 14.92 0.25
N LEU B 9 -10.74 13.68 0.40
CA LEU B 9 -9.43 13.42 1.03
C LEU B 9 -8.28 13.77 0.09
N LEU B 10 -8.56 13.80 -1.21
CA LEU B 10 -7.55 14.12 -2.22
C LEU B 10 -7.31 15.61 -2.41
N LYS B 11 -8.39 16.40 -2.47
CA LYS B 11 -8.25 17.83 -2.67
C LYS B 11 -7.36 18.47 -1.60
C1 LOA C . -7.82 -8.67 5.74
C2 LOA C . -8.59 -7.28 5.77
C3 LOA C . -8.91 -6.74 4.27
O3 LOA C . -9.56 -5.52 4.33
C4 LOA C . -7.58 -6.59 3.40
C5 LOA C . -6.81 -8.04 3.32
C6 LOA C . -5.44 -7.91 2.45
C7 LOA C . -4.50 -6.79 3.12
C8 LOA C . -4.09 -7.20 4.63
C9 LOA C . -5.44 -7.34 5.54
C10 LOA C . -6.47 -8.53 4.89
C11 LOA C . -5.04 -7.73 7.00
C12 LOA C . -4.09 -6.71 7.69
C13 LOA C . -2.77 -6.36 6.83
C14 LOA C . -3.22 -6.07 5.31
C15 LOA C . -1.82 -5.74 4.63
C16 LOA C . -1.41 -4.67 5.59
C17 LOA C . -2.01 -4.97 7.04
C18 LOA C . -1.80 -7.70 6.95
C19 LOA C . -5.84 -9.93 4.96
C20 LOA C . -0.85 -4.92 8.20
C21 LOA C . -1.49 -5.23 9.66
C22 LOA C . -0.28 -3.51 8.18
C23 LOA C . 0.85 -3.16 9.17
C24 LOA C . 1.37 -1.78 9.04
C25 LOA C . -11.61 -3.95 4.29
C26 LOA C . -10.83 -5.30 4.23
OT1 LOA C . 2.59 -1.63 9.11
OT2 LOA C . 0.58 -0.82 8.84
O25 LOA C . -11.77 -6.06 4.05
#